data_2V40
#
_entry.id   2V40
#
_cell.length_a   155.410
_cell.length_b   155.410
_cell.length_c   82.120
_cell.angle_alpha   90.00
_cell.angle_beta   90.00
_cell.angle_gamma   120.00
#
_symmetry.space_group_name_H-M   'P 63 2 2'
#
loop_
_entity.id
_entity.type
_entity.pdbx_description
1 polymer 'ADENYLOSUCCINATE SYNTHETASE ISOZYME 2'
2 non-polymer "GUANOSINE-5'-DIPHOSPHATE"
3 water water
#
_entity_poly.entity_id   1
_entity_poly.type   'polypeptide(L)'
_entity_poly.pdbx_seq_one_letter_code
;MHHHHHHSSGVDLGTENLYFQSMPRARPGGNRVTVVLGAQWGDEGKGKVVDLLAQDADIVCRCQGGNNAGHTVVVDSVEY
DFHLLPSGIINPNVTAFIGNGVVIHLPGLFEEAEKNVQKGKGLEGWEKRLIISDRAHIVFDFHQAADGIQEQQRQEQAGK
NLGTTKKGIGPVYSSKAARSGLRMCDLVSDFDGFSERFKVLANQYKSIYPTLEIDIEGELQKLKGYMEKIKPMVRDGVYF
LYEALHGPPKKILVEGANAALLDIDFGTYPFVTSSNCTVGGVCTGLGMPPQNVGEVYGVVKAYTTRVGIGAFPTEQDNEI
GELLQTRGREFGVTTGRKRRCGWLDLVLLKYAHMINGFTALALTKLDILDMFTEIKVGVAYKLDGEIIPHIPANQEVLNK
VEVQYKTLPGWNTDISNARAFKELPVNAQNYVRFIEDELQIPVKWIGVGKSRESMIQLF
;
_entity_poly.pdbx_strand_id   A
#
loop_
_chem_comp.id
_chem_comp.type
_chem_comp.name
_chem_comp.formula
GDP RNA linking GUANOSINE-5'-DIPHOSPHATE 'C10 H15 N5 O11 P2'
#
# COMPACT_ATOMS: atom_id res chain seq x y z
N GLY A 29 26.99 5.17 -1.44
CA GLY A 29 27.15 5.94 -0.17
C GLY A 29 25.84 6.47 0.41
N GLY A 30 25.85 6.66 1.72
CA GLY A 30 24.81 7.36 2.43
C GLY A 30 23.84 6.36 3.04
N ASN A 31 22.81 6.88 3.67
CA ASN A 31 21.76 6.07 4.25
C ASN A 31 21.01 5.32 3.18
N ARG A 32 20.50 4.13 3.52
CA ARG A 32 19.74 3.33 2.58
C ARG A 32 18.35 3.15 3.19
N VAL A 33 17.31 3.43 2.40
CA VAL A 33 15.95 3.43 2.95
C VAL A 33 15.42 2.01 3.13
N THR A 34 14.57 1.79 4.14
CA THR A 34 13.86 0.51 4.28
C THR A 34 12.49 0.65 3.63
N VAL A 35 12.09 -0.33 2.83
CA VAL A 35 10.80 -0.24 2.14
C VAL A 35 9.90 -1.38 2.61
N VAL A 36 8.64 -1.07 2.90
CA VAL A 36 7.63 -2.12 3.17
C VAL A 36 6.65 -2.12 2.02
N LEU A 37 6.53 -3.27 1.35
CA LEU A 37 5.65 -3.42 0.17
C LEU A 37 4.68 -4.58 0.36
N GLY A 38 3.44 -4.39 -0.10
CA GLY A 38 2.45 -5.50 -0.11
C GLY A 38 2.77 -6.43 -1.27
N ALA A 39 2.80 -7.72 -1.03
CA ALA A 39 3.22 -8.65 -2.08
C ALA A 39 2.07 -9.20 -2.96
N GLN A 40 0.83 -9.02 -2.52
CA GLN A 40 -0.30 -9.69 -3.17
C GLN A 40 -1.26 -8.63 -3.72
N TRP A 41 -2.53 -8.64 -3.32
CA TRP A 41 -3.47 -7.60 -3.78
C TRP A 41 -3.95 -6.69 -2.66
N GLY A 42 -3.10 -6.36 -1.70
CA GLY A 42 -3.50 -5.53 -0.57
C GLY A 42 -4.09 -6.28 0.63
N ASP A 43 -4.30 -5.55 1.71
CA ASP A 43 -4.84 -6.11 2.96
C ASP A 43 -3.98 -7.25 3.53
N GLU A 44 -2.67 -7.21 3.30
CA GLU A 44 -1.79 -8.27 3.77
C GLU A 44 -1.43 -8.09 5.23
N GLY A 45 -1.55 -6.87 5.75
CA GLY A 45 -1.03 -6.58 7.06
C GLY A 45 0.23 -5.73 7.06
N LYS A 46 0.40 -4.87 6.04
CA LYS A 46 1.56 -3.95 5.98
C LYS A 46 1.62 -3.04 7.19
N GLY A 47 0.45 -2.54 7.62
CA GLY A 47 0.37 -1.64 8.79
C GLY A 47 0.98 -2.23 10.05
N LYS A 48 0.77 -3.53 10.25
CA LYS A 48 1.37 -4.27 11.36
C LYS A 48 2.93 -4.20 11.34
N VAL A 49 3.50 -4.36 10.16
CA VAL A 49 4.96 -4.29 10.02
C VAL A 49 5.46 -2.84 10.16
N VAL A 50 4.78 -1.92 9.48
CA VAL A 50 5.10 -0.51 9.58
C VAL A 50 5.06 -0.03 11.04
N ASP A 51 4.02 -0.43 11.80
CA ASP A 51 3.92 -0.15 13.27
C ASP A 51 5.21 -0.46 14.02
N LEU A 52 5.78 -1.64 13.78
CA LEU A 52 7.00 -2.05 14.44
C LEU A 52 8.19 -1.21 14.00
N LEU A 53 8.36 -1.08 12.69
CA LEU A 53 9.52 -0.35 12.14
C LEU A 53 9.49 1.17 12.38
N ALA A 54 8.30 1.76 12.38
CA ALA A 54 8.20 3.21 12.57
C ALA A 54 8.61 3.68 13.98
N GLN A 55 8.59 2.76 14.96
CA GLN A 55 8.96 3.07 16.35
C GLN A 55 10.40 3.60 16.49
N ASP A 56 11.31 3.17 15.62
CA ASP A 56 12.64 3.78 15.70
C ASP A 56 13.11 4.43 14.41
N ALA A 57 12.16 4.78 13.55
CA ALA A 57 12.48 5.55 12.34
C ALA A 57 12.69 7.03 12.67
N ASP A 58 13.48 7.70 11.84
CA ASP A 58 13.62 9.16 11.86
C ASP A 58 12.72 9.85 10.85
N ILE A 59 12.57 9.22 9.68
CA ILE A 59 11.74 9.75 8.60
C ILE A 59 10.89 8.61 8.05
N VAL A 60 9.59 8.87 7.89
N VAL A 60 9.60 8.89 7.83
CA VAL A 60 8.68 7.91 7.27
CA VAL A 60 8.68 7.90 7.28
C VAL A 60 8.11 8.56 6.02
C VAL A 60 7.94 8.50 6.07
N CYS A 61 8.03 7.81 4.93
CA CYS A 61 7.64 8.36 3.62
C CYS A 61 6.49 7.63 2.94
N ARG A 62 5.71 8.40 2.15
CA ARG A 62 4.85 7.85 1.11
C ARG A 62 5.53 8.18 -0.23
N CYS A 63 5.59 7.21 -1.15
CA CYS A 63 6.24 7.43 -2.46
C CYS A 63 5.27 7.46 -3.64
N GLN A 64 4.15 6.75 -3.56
CA GLN A 64 3.21 6.67 -4.66
C GLN A 64 1.79 6.58 -4.10
N GLY A 65 0.82 6.80 -4.98
CA GLY A 65 -0.59 6.58 -4.61
C GLY A 65 -1.26 7.78 -3.97
N GLY A 66 -2.51 7.60 -3.53
CA GLY A 66 -3.24 8.68 -2.90
C GLY A 66 -3.79 8.23 -1.57
N ASN A 67 -5.02 8.63 -1.27
CA ASN A 67 -5.60 8.36 0.05
C ASN A 67 -6.69 7.29 0.03
N ASN A 68 -6.63 6.35 -0.92
CA ASN A 68 -7.78 5.47 -1.11
C ASN A 68 -7.95 4.37 -0.05
N ALA A 69 -6.93 4.16 0.79
CA ALA A 69 -6.99 3.13 1.86
C ALA A 69 -6.81 3.75 3.23
N GLY A 70 -7.68 3.38 4.18
CA GLY A 70 -7.57 3.86 5.57
C GLY A 70 -7.02 2.81 6.53
N HIS A 71 -6.25 3.27 7.50
N HIS A 71 -6.23 3.24 7.51
CA HIS A 71 -5.71 2.40 8.51
CA HIS A 71 -5.52 2.35 8.46
C HIS A 71 -5.84 3.04 9.87
C HIS A 71 -5.50 2.95 9.88
N THR A 72 -5.98 2.18 10.88
CA THR A 72 -6.15 2.67 12.25
C THR A 72 -4.97 2.28 13.11
N VAL A 73 -4.43 3.26 13.84
CA VAL A 73 -3.38 3.00 14.80
C VAL A 73 -3.94 3.39 16.15
N VAL A 74 -3.81 2.49 17.13
CA VAL A 74 -4.35 2.73 18.48
C VAL A 74 -3.23 3.12 19.43
N VAL A 75 -3.37 4.26 20.10
CA VAL A 75 -2.46 4.69 21.16
C VAL A 75 -3.25 5.11 22.42
N ASP A 76 -3.02 4.41 23.53
CA ASP A 76 -3.75 4.63 24.78
C ASP A 76 -5.25 4.58 24.55
N SER A 77 -5.68 3.56 23.80
CA SER A 77 -7.10 3.34 23.45
C SER A 77 -7.62 4.21 22.32
N VAL A 78 -6.91 5.31 22.06
CA VAL A 78 -7.39 6.27 21.07
C VAL A 78 -7.09 5.74 19.67
N GLU A 79 -8.12 5.75 18.83
CA GLU A 79 -8.02 5.22 17.49
C GLU A 79 -7.78 6.37 16.52
N TYR A 80 -6.58 6.43 15.97
CA TYR A 80 -6.26 7.43 14.95
C TYR A 80 -6.36 6.77 13.59
N ASP A 81 -6.82 7.51 12.57
CA ASP A 81 -7.00 6.95 11.22
C ASP A 81 -6.12 7.68 10.21
N PHE A 82 -5.42 6.92 9.38
CA PHE A 82 -4.54 7.50 8.35
C PHE A 82 -4.94 7.05 6.96
N HIS A 83 -4.87 7.97 5.99
CA HIS A 83 -5.28 7.66 4.62
C HIS A 83 -4.16 8.11 3.66
N LEU A 84 -3.90 9.40 3.65
CA LEU A 84 -2.78 9.90 2.88
C LEU A 84 -1.52 9.90 3.72
N LEU A 85 -1.64 10.32 4.99
CA LEU A 85 -0.48 10.41 5.87
C LEU A 85 0.13 9.07 6.18
N PRO A 86 1.49 8.99 6.19
CA PRO A 86 2.19 7.79 6.65
C PRO A 86 1.79 7.53 8.09
N SER A 87 1.36 6.30 8.37
CA SER A 87 0.96 5.87 9.71
C SER A 87 2.06 6.12 10.76
N GLY A 88 3.31 6.11 10.29
CA GLY A 88 4.46 6.35 11.17
C GLY A 88 4.52 7.69 11.84
N ILE A 89 3.77 8.66 11.33
CA ILE A 89 3.72 10.01 11.93
C ILE A 89 3.23 9.99 13.40
N ILE A 90 2.57 8.90 13.80
CA ILE A 90 2.12 8.70 15.18
C ILE A 90 3.28 8.69 16.21
N ASN A 91 4.49 8.35 15.76
CA ASN A 91 5.73 8.44 16.56
C ASN A 91 6.15 9.91 16.61
N PRO A 92 6.21 10.50 17.82
CA PRO A 92 6.51 11.95 17.93
C PRO A 92 7.90 12.38 17.43
N ASN A 93 8.84 11.46 17.32
CA ASN A 93 10.19 11.75 16.84
C ASN A 93 10.39 11.64 15.33
N VAL A 94 9.33 11.30 14.60
N VAL A 94 9.31 11.36 14.61
CA VAL A 94 9.48 11.17 13.16
CA VAL A 94 9.32 11.09 13.16
C VAL A 94 9.06 12.44 12.43
C VAL A 94 8.90 12.31 12.32
N THR A 95 9.66 12.63 11.26
CA THR A 95 9.20 13.56 10.25
C THR A 95 8.53 12.70 9.19
N ALA A 96 7.29 13.04 8.84
CA ALA A 96 6.58 12.34 7.77
C ALA A 96 6.85 13.08 6.47
N PHE A 97 7.09 12.32 5.42
CA PHE A 97 7.47 12.91 4.12
C PHE A 97 6.60 12.39 3.01
N ILE A 98 5.96 13.30 2.28
CA ILE A 98 5.11 12.93 1.15
C ILE A 98 5.90 13.16 -0.13
N GLY A 99 6.21 12.10 -0.87
CA GLY A 99 7.04 12.23 -2.10
C GLY A 99 6.33 12.79 -3.32
N ASN A 100 7.10 13.05 -4.38
CA ASN A 100 6.57 13.57 -5.64
C ASN A 100 5.63 12.62 -6.36
N GLY A 101 5.72 11.31 -6.09
CA GLY A 101 4.89 10.34 -6.77
C GLY A 101 3.46 10.27 -6.22
N VAL A 102 3.26 10.87 -5.05
CA VAL A 102 1.96 10.87 -4.36
C VAL A 102 0.98 11.89 -4.94
N VAL A 103 -0.32 11.60 -4.87
CA VAL A 103 -1.33 12.55 -5.37
C VAL A 103 -2.21 12.99 -4.21
N ILE A 104 -2.42 14.30 -4.07
CA ILE A 104 -2.90 14.87 -2.83
C ILE A 104 -4.20 15.64 -3.04
N HIS A 105 -5.28 15.12 -2.45
CA HIS A 105 -6.52 15.87 -2.33
C HIS A 105 -6.44 16.71 -1.05
N LEU A 106 -6.42 18.01 -1.20
CA LEU A 106 -6.16 18.90 -0.07
C LEU A 106 -7.26 18.90 1.00
N PRO A 107 -8.54 18.99 0.61
CA PRO A 107 -9.59 18.87 1.65
C PRO A 107 -9.48 17.56 2.45
N GLY A 108 -9.21 16.45 1.75
CA GLY A 108 -9.02 15.15 2.39
C GLY A 108 -7.86 15.12 3.36
N LEU A 109 -6.73 15.69 2.97
CA LEU A 109 -5.56 15.76 3.84
C LEU A 109 -5.87 16.51 5.15
N PHE A 110 -6.45 17.69 5.03
CA PHE A 110 -6.72 18.47 6.23
C PHE A 110 -7.82 17.83 7.10
N GLU A 111 -8.82 17.25 6.45
CA GLU A 111 -9.87 16.52 7.18
C GLU A 111 -9.28 15.36 7.99
N GLU A 112 -8.47 14.52 7.33
CA GLU A 112 -7.77 13.45 8.00
C GLU A 112 -6.95 13.91 9.23
N ALA A 113 -6.18 14.98 9.07
CA ALA A 113 -5.33 15.44 10.16
C ALA A 113 -6.16 16.07 11.28
N GLU A 114 -7.15 16.87 10.89
CA GLU A 114 -7.98 17.58 11.87
C GLU A 114 -8.84 16.61 12.71
N LYS A 115 -9.36 15.56 12.07
CA LYS A 115 -10.11 14.53 12.80
C LYS A 115 -9.23 13.80 13.82
N ASN A 116 -7.97 13.54 13.47
CA ASN A 116 -7.06 12.93 14.43
C ASN A 116 -6.78 13.78 15.62
N VAL A 117 -6.64 15.09 15.39
CA VAL A 117 -6.48 16.05 16.48
C VAL A 117 -7.74 16.10 17.39
N GLN A 118 -8.91 15.92 16.81
CA GLN A 118 -10.16 15.86 17.60
C GLN A 118 -10.22 14.62 18.50
N LYS A 119 -9.57 13.53 18.09
CA LYS A 119 -9.62 12.26 18.83
C LYS A 119 -8.73 12.23 20.06
N GLY A 120 -7.59 12.93 20.01
CA GLY A 120 -6.65 12.93 21.11
C GLY A 120 -5.38 13.70 20.80
N LYS A 121 -4.41 13.60 21.68
CA LYS A 121 -3.22 14.44 21.58
C LYS A 121 -2.11 13.81 20.73
N GLY A 122 -2.35 12.63 20.18
CA GLY A 122 -1.32 11.89 19.41
C GLY A 122 -0.73 12.60 18.20
N LEU A 123 -1.47 13.53 17.62
CA LEU A 123 -0.98 14.27 16.45
C LEU A 123 -0.60 15.71 16.76
N GLU A 124 -0.44 16.00 18.05
CA GLU A 124 -0.05 17.31 18.53
C GLU A 124 1.20 17.79 17.79
N GLY A 125 1.10 18.93 17.11
CA GLY A 125 2.25 19.51 16.38
C GLY A 125 2.57 18.79 15.07
N TRP A 126 1.57 18.13 14.48
CA TRP A 126 1.77 17.39 13.23
C TRP A 126 2.28 18.29 12.09
N GLU A 127 1.80 19.56 12.05
CA GLU A 127 2.20 20.53 11.02
C GLU A 127 3.69 20.81 11.02
N LYS A 128 4.35 20.58 12.15
CA LYS A 128 5.79 20.77 12.32
C LYS A 128 6.60 19.55 11.88
N ARG A 129 5.90 18.43 11.62
CA ARG A 129 6.56 17.15 11.39
C ARG A 129 6.09 16.53 10.08
N LEU A 130 5.47 17.34 9.21
CA LEU A 130 5.04 16.87 7.89
C LEU A 130 5.70 17.71 6.81
N ILE A 131 6.37 17.02 5.89
CA ILE A 131 7.02 17.69 4.75
C ILE A 131 6.38 17.17 3.48
N ILE A 132 5.97 18.08 2.58
CA ILE A 132 5.31 17.68 1.35
C ILE A 132 6.21 18.07 0.16
N SER A 133 6.62 17.07 -0.63
CA SER A 133 7.37 17.35 -1.87
C SER A 133 6.56 18.26 -2.78
N ASP A 134 7.19 19.36 -3.21
CA ASP A 134 6.47 20.33 -4.05
C ASP A 134 6.20 19.86 -5.48
N ARG A 135 6.70 18.67 -5.84
CA ARG A 135 6.41 18.10 -7.14
C ARG A 135 5.23 17.15 -7.13
N ALA A 136 4.61 16.93 -5.95
CA ALA A 136 3.39 16.13 -5.92
C ALA A 136 2.22 16.81 -6.64
N HIS A 137 1.44 15.99 -7.35
CA HIS A 137 0.25 16.45 -8.03
C HIS A 137 -0.93 16.57 -7.08
N ILE A 138 -1.82 17.53 -7.41
CA ILE A 138 -3.05 17.78 -6.64
C ILE A 138 -4.26 17.10 -7.24
N VAL A 139 -5.02 16.38 -6.39
CA VAL A 139 -6.28 15.78 -6.79
C VAL A 139 -7.33 16.87 -6.53
N PHE A 140 -8.08 17.24 -7.55
CA PHE A 140 -9.13 18.24 -7.37
C PHE A 140 -10.49 17.55 -7.11
N ASP A 141 -11.42 18.31 -6.54
CA ASP A 141 -12.78 17.80 -6.32
C ASP A 141 -13.35 17.25 -7.63
N PHE A 142 -13.12 17.95 -8.76
CA PHE A 142 -13.62 17.47 -10.06
C PHE A 142 -12.99 16.14 -10.52
N HIS A 143 -11.75 15.87 -10.10
CA HIS A 143 -11.13 14.54 -10.37
C HIS A 143 -11.90 13.43 -9.64
N GLN A 144 -12.24 13.69 -8.39
CA GLN A 144 -13.02 12.73 -7.58
C GLN A 144 -14.41 12.51 -8.16
N ALA A 145 -15.02 13.59 -8.63
CA ALA A 145 -16.36 13.56 -9.20
C ALA A 145 -16.34 12.81 -10.54
N ALA A 146 -15.33 13.09 -11.37
CA ALA A 146 -15.13 12.38 -12.63
C ALA A 146 -14.91 10.89 -12.43
N ASP A 147 -14.16 10.54 -11.38
CA ASP A 147 -13.92 9.16 -10.99
C ASP A 147 -15.25 8.39 -10.82
N GLY A 148 -16.18 8.97 -10.05
CA GLY A 148 -17.54 8.43 -9.89
C GLY A 148 -18.33 8.25 -11.19
N ILE A 149 -18.30 9.29 -12.04
CA ILE A 149 -18.97 9.26 -13.35
C ILE A 149 -18.41 8.17 -14.27
N GLN A 150 -17.08 8.06 -14.32
CA GLN A 150 -16.41 7.06 -15.15
C GLN A 150 -16.79 5.65 -14.73
N GLU A 151 -16.90 5.44 -13.42
CA GLU A 151 -17.34 4.18 -12.83
C GLU A 151 -18.81 3.88 -13.18
N GLN A 152 -19.63 4.93 -13.20
CA GLN A 152 -21.01 4.81 -13.70
C GLN A 152 -21.02 4.37 -15.16
N GLN A 153 -20.20 5.02 -15.99
CA GLN A 153 -19.94 4.52 -17.35
C GLN A 153 -18.92 3.39 -17.23
N LYS A 166 -13.99 6.48 -5.26
CA LYS A 166 -14.16 7.80 -5.84
C LYS A 166 -13.16 8.78 -5.21
N LYS A 167 -11.91 8.35 -5.13
CA LYS A 167 -10.86 9.21 -4.62
C LYS A 167 -10.16 10.00 -5.73
N GLY A 168 -10.55 9.77 -6.98
CA GLY A 168 -10.00 10.54 -8.11
C GLY A 168 -8.61 10.12 -8.56
N ILE A 169 -8.23 8.88 -8.22
CA ILE A 169 -6.89 8.36 -8.53
C ILE A 169 -6.63 8.23 -10.03
N GLY A 170 -7.53 7.54 -10.74
CA GLY A 170 -7.41 7.46 -12.21
C GLY A 170 -7.28 8.83 -12.88
N PRO A 171 -8.28 9.70 -12.67
CA PRO A 171 -8.26 11.05 -13.23
C PRO A 171 -7.00 11.89 -12.93
N VAL A 172 -6.53 11.88 -11.68
CA VAL A 172 -5.35 12.71 -11.36
C VAL A 172 -4.08 12.16 -12.04
N TYR A 173 -3.93 10.83 -12.09
CA TYR A 173 -2.75 10.25 -12.79
C TYR A 173 -2.87 10.43 -14.32
N SER A 174 -4.10 10.46 -14.83
CA SER A 174 -4.30 10.77 -16.27
C SER A 174 -3.92 12.21 -16.60
N SER A 175 -4.28 13.15 -15.72
CA SER A 175 -3.91 14.56 -15.91
C SER A 175 -2.41 14.74 -15.76
N LYS A 176 -1.79 13.92 -14.91
CA LYS A 176 -0.35 14.01 -14.69
C LYS A 176 0.37 13.62 -15.99
N ALA A 177 0.01 12.44 -16.52
CA ALA A 177 0.61 11.98 -17.78
C ALA A 177 0.35 12.96 -18.93
N ALA A 178 -0.84 13.56 -18.96
CA ALA A 178 -1.19 14.53 -20.01
C ALA A 178 -0.49 15.87 -19.85
N ARG A 179 0.16 16.06 -18.69
CA ARG A 179 0.86 17.30 -18.33
CA ARG A 179 0.86 17.30 -18.33
C ARG A 179 -0.11 18.49 -18.16
N SER A 180 -1.38 18.19 -17.90
CA SER A 180 -2.40 19.22 -17.64
C SER A 180 -2.64 19.41 -16.15
N GLY A 181 -2.15 18.46 -15.36
CA GLY A 181 -2.33 18.48 -13.91
C GLY A 181 -1.53 19.60 -13.25
N LEU A 182 -1.91 19.92 -12.02
N LEU A 182 -1.91 19.93 -12.03
CA LEU A 182 -1.26 20.99 -11.28
CA LEU A 182 -1.27 21.01 -11.28
C LEU A 182 -0.57 20.41 -10.07
C LEU A 182 -0.58 20.42 -10.05
N ARG A 183 0.54 21.03 -9.66
CA ARG A 183 1.39 20.50 -8.57
C ARG A 183 1.47 21.42 -7.38
N MET A 184 1.92 20.89 -6.25
CA MET A 184 2.03 21.70 -5.03
C MET A 184 2.84 22.99 -5.22
N CYS A 185 3.93 22.90 -5.98
CA CYS A 185 4.76 24.09 -6.28
C CYS A 185 4.00 25.21 -7.01
N ASP A 186 2.97 24.83 -7.77
CA ASP A 186 2.12 25.77 -8.52
C ASP A 186 1.17 26.49 -7.56
N LEU A 187 0.57 25.71 -6.66
CA LEU A 187 -0.36 26.22 -5.66
C LEU A 187 0.30 27.28 -4.74
N VAL A 188 1.54 27.03 -4.35
CA VAL A 188 2.22 27.89 -3.38
C VAL A 188 3.02 29.04 -4.00
N SER A 189 3.04 29.12 -5.33
CA SER A 189 3.74 30.22 -6.00
C SER A 189 2.72 31.25 -6.46
N ASP A 190 2.75 31.63 -7.74
CA ASP A 190 1.78 32.64 -8.23
C ASP A 190 0.34 32.10 -8.33
N PHE A 191 -0.53 32.55 -7.42
CA PHE A 191 -1.89 32.03 -7.39
C PHE A 191 -2.73 32.42 -8.59
N ASP A 192 -2.40 33.54 -9.24
CA ASP A 192 -3.04 33.92 -10.50
C ASP A 192 -2.76 32.89 -11.58
N GLY A 193 -1.49 32.55 -11.75
CA GLY A 193 -1.07 31.51 -12.67
C GLY A 193 -1.77 30.20 -12.35
N PHE A 194 -1.71 29.81 -11.07
CA PHE A 194 -2.38 28.58 -10.63
C PHE A 194 -3.85 28.58 -11.03
N SER A 195 -4.54 29.68 -10.72
CA SER A 195 -5.97 29.86 -11.01
C SER A 195 -6.32 29.74 -12.49
N GLU A 196 -5.51 30.38 -13.33
CA GLU A 196 -5.68 30.28 -14.77
C GLU A 196 -5.64 28.83 -15.26
N ARG A 197 -4.58 28.10 -14.86
N ARG A 197 -4.61 28.10 -14.84
CA ARG A 197 -4.41 26.68 -15.23
CA ARG A 197 -4.42 26.71 -15.24
C ARG A 197 -5.51 25.80 -14.64
C ARG A 197 -5.45 25.76 -14.62
N PHE A 198 -5.90 26.08 -13.40
CA PHE A 198 -6.98 25.33 -12.73
C PHE A 198 -8.29 25.43 -13.53
N LYS A 199 -8.60 26.64 -13.98
CA LYS A 199 -9.81 26.88 -14.78
C LYS A 199 -9.81 26.14 -16.12
N VAL A 200 -8.68 26.14 -16.81
CA VAL A 200 -8.53 25.32 -18.04
C VAL A 200 -8.84 23.84 -17.80
N LEU A 201 -8.21 23.27 -16.77
CA LEU A 201 -8.37 21.85 -16.45
C LEU A 201 -9.81 21.55 -16.01
N ALA A 202 -10.35 22.40 -15.14
CA ALA A 202 -11.73 22.24 -14.67
C ALA A 202 -12.72 22.30 -15.83
N ASN A 203 -12.50 23.26 -16.74
CA ASN A 203 -13.36 23.41 -17.91
C ASN A 203 -13.26 22.24 -18.89
N GLN A 204 -12.07 21.69 -19.06
CA GLN A 204 -11.89 20.42 -19.80
C GLN A 204 -12.80 19.33 -19.26
N TYR A 205 -12.72 19.05 -17.96
CA TYR A 205 -13.56 18.04 -17.34
C TYR A 205 -15.06 18.34 -17.47
N LYS A 206 -15.44 19.61 -17.26
CA LYS A 206 -16.82 20.04 -17.41
C LYS A 206 -17.35 19.81 -18.84
N SER A 207 -16.52 20.08 -19.83
CA SER A 207 -16.92 19.91 -21.22
C SER A 207 -16.97 18.44 -21.66
N ILE A 208 -16.24 17.58 -20.94
CA ILE A 208 -16.24 16.14 -21.21
C ILE A 208 -17.33 15.42 -20.39
N TYR A 209 -17.66 15.96 -19.23
CA TYR A 209 -18.67 15.38 -18.36
C TYR A 209 -19.76 16.41 -18.05
N PRO A 210 -20.72 16.61 -18.98
CA PRO A 210 -21.77 17.63 -18.81
C PRO A 210 -22.60 17.46 -17.52
N THR A 211 -22.80 16.21 -17.12
CA THR A 211 -23.53 15.90 -15.87
C THR A 211 -22.70 16.17 -14.60
N LEU A 212 -21.39 16.39 -14.78
CA LEU A 212 -20.49 16.68 -13.67
C LEU A 212 -20.82 18.04 -13.08
N GLU A 213 -21.20 18.05 -11.82
CA GLU A 213 -21.36 19.30 -11.07
C GLU A 213 -19.99 19.75 -10.59
N ILE A 214 -19.55 20.88 -11.12
CA ILE A 214 -18.22 21.39 -10.84
C ILE A 214 -18.28 22.85 -10.41
N ASP A 215 -17.88 23.07 -9.17
CA ASP A 215 -17.89 24.39 -8.56
C ASP A 215 -16.49 24.99 -8.65
N ILE A 216 -16.20 25.61 -9.79
CA ILE A 216 -14.86 26.15 -10.08
C ILE A 216 -14.47 27.23 -9.08
N GLU A 217 -15.30 28.25 -8.91
CA GLU A 217 -15.04 29.32 -7.94
C GLU A 217 -15.00 28.88 -6.48
N GLY A 218 -15.90 27.99 -6.09
CA GLY A 218 -15.92 27.50 -4.71
C GLY A 218 -14.73 26.63 -4.33
N GLU A 219 -14.35 25.73 -5.24
CA GLU A 219 -13.15 24.91 -4.99
C GLU A 219 -11.92 25.79 -4.87
N LEU A 220 -11.78 26.74 -5.81
CA LEU A 220 -10.65 27.66 -5.86
C LEU A 220 -10.55 28.54 -4.62
N GLN A 221 -11.71 28.92 -4.06
CA GLN A 221 -11.75 29.75 -2.86
C GLN A 221 -11.34 28.96 -1.61
N LYS A 222 -11.75 27.70 -1.55
CA LYS A 222 -11.32 26.80 -0.48
C LYS A 222 -9.82 26.50 -0.58
N LEU A 223 -9.31 26.40 -1.81
CA LEU A 223 -7.86 26.23 -2.05
C LEU A 223 -7.03 27.41 -1.53
N LYS A 224 -7.54 28.63 -1.66
CA LYS A 224 -6.90 29.80 -1.03
C LYS A 224 -6.69 29.60 0.45
N GLY A 225 -7.72 29.13 1.16
CA GLY A 225 -7.57 28.74 2.56
C GLY A 225 -6.65 27.53 2.74
N TYR A 226 -6.79 26.53 1.88
CA TYR A 226 -5.91 25.35 2.00
C TYR A 226 -4.43 25.66 1.71
N MET A 227 -4.17 26.50 0.70
CA MET A 227 -2.81 26.99 0.39
C MET A 227 -2.08 27.65 1.60
N GLU A 228 -2.78 28.51 2.35
CA GLU A 228 -2.14 29.18 3.49
C GLU A 228 -1.74 28.28 4.67
N LYS A 229 -2.50 27.21 4.91
CA LYS A 229 -2.10 26.25 5.94
C LYS A 229 -0.97 25.33 5.43
N ILE A 230 -1.02 24.98 4.16
CA ILE A 230 0.00 24.05 3.64
C ILE A 230 1.36 24.66 3.31
N LYS A 231 1.41 25.96 3.03
CA LYS A 231 2.65 26.62 2.60
C LYS A 231 3.93 26.27 3.39
N PRO A 232 3.89 26.36 4.74
CA PRO A 232 5.08 26.04 5.54
C PRO A 232 5.54 24.58 5.41
N MET A 233 4.65 23.68 4.98
CA MET A 233 4.97 22.25 4.87
C MET A 233 5.54 21.82 3.50
N VAL A 234 5.41 22.71 2.52
CA VAL A 234 5.75 22.39 1.14
C VAL A 234 7.18 22.82 0.88
N ARG A 235 8.00 21.87 0.44
CA ARG A 235 9.36 22.20 0.08
C ARG A 235 9.93 21.34 -1.03
N ASP A 236 11.14 21.65 -1.45
CA ASP A 236 11.78 20.84 -2.47
C ASP A 236 12.13 19.49 -1.88
N GLY A 237 11.45 18.47 -2.41
CA GLY A 237 11.57 17.11 -1.85
C GLY A 237 12.84 16.39 -2.28
N VAL A 238 13.34 16.70 -3.48
CA VAL A 238 14.57 16.04 -3.96
C VAL A 238 15.75 16.46 -3.09
N TYR A 239 15.82 17.76 -2.84
CA TYR A 239 16.88 18.31 -2.00
C TYR A 239 16.73 17.81 -0.55
N PHE A 240 15.50 17.87 -0.02
CA PHE A 240 15.23 17.38 1.34
C PHE A 240 15.75 15.93 1.54
N LEU A 241 15.34 15.04 0.64
CA LEU A 241 15.72 13.65 0.77
C LEU A 241 17.21 13.44 0.54
N TYR A 242 17.78 14.09 -0.48
CA TYR A 242 19.20 13.96 -0.74
C TYR A 242 20.03 14.32 0.52
N GLU A 243 19.67 15.42 1.16
CA GLU A 243 20.37 15.85 2.39
C GLU A 243 20.21 14.82 3.51
N ALA A 244 19.02 14.25 3.64
CA ALA A 244 18.77 13.22 4.66
C ALA A 244 19.54 11.94 4.36
N LEU A 245 19.69 11.59 3.08
CA LEU A 245 20.45 10.40 2.71
C LEU A 245 21.97 10.58 2.96
N HIS A 246 22.44 11.80 2.79
CA HIS A 246 23.91 12.01 2.80
C HIS A 246 24.46 12.72 4.03
N GLY A 247 23.59 12.99 5.00
CA GLY A 247 23.99 13.62 6.27
C GLY A 247 24.33 12.55 7.29
N PRO A 248 24.14 12.85 8.59
CA PRO A 248 24.40 11.81 9.59
C PRO A 248 23.48 10.56 9.44
N PRO A 249 23.85 9.42 10.07
CA PRO A 249 23.01 8.22 10.04
C PRO A 249 21.56 8.53 10.43
N LYS A 250 20.63 7.98 9.63
N LYS A 250 20.62 8.00 9.64
CA LYS A 250 19.19 8.17 9.78
CA LYS A 250 19.19 8.15 9.92
C LYS A 250 18.49 6.87 9.39
C LYS A 250 18.42 6.99 9.33
N LYS A 251 17.36 6.59 10.03
CA LYS A 251 16.54 5.45 9.65
C LYS A 251 15.37 6.00 8.89
N ILE A 252 15.34 5.68 7.59
CA ILE A 252 14.33 6.21 6.70
C ILE A 252 13.49 5.04 6.22
N LEU A 253 12.18 5.14 6.44
CA LEU A 253 11.25 4.06 6.15
C LEU A 253 10.29 4.55 5.07
N VAL A 254 10.02 3.71 4.08
CA VAL A 254 9.07 4.06 3.03
C VAL A 254 7.90 3.07 3.12
N GLU A 255 6.70 3.59 3.32
CA GLU A 255 5.49 2.79 3.50
C GLU A 255 4.87 2.70 2.12
N GLY A 256 4.99 1.53 1.49
CA GLY A 256 4.32 1.29 0.22
C GLY A 256 2.82 1.28 0.39
N ALA A 257 2.10 1.77 -0.61
CA ALA A 257 0.66 1.70 -0.61
C ALA A 257 0.24 0.60 -1.59
N ASN A 258 -0.99 0.12 -1.44
CA ASN A 258 -1.55 -0.85 -2.38
C ASN A 258 -0.67 -2.09 -2.32
N ALA A 259 -0.41 -2.74 -3.45
CA ALA A 259 0.37 -3.98 -3.44
C ALA A 259 0.85 -4.33 -4.83
N ALA A 260 1.78 -5.28 -4.91
CA ALA A 260 2.43 -5.67 -6.17
C ALA A 260 1.43 -6.02 -7.28
N LEU A 261 0.36 -6.75 -6.94
CA LEU A 261 -0.52 -7.22 -7.99
C LEU A 261 -1.58 -6.20 -8.38
N LEU A 262 -1.48 -5.02 -7.77
CA LEU A 262 -2.30 -3.86 -8.10
C LEU A 262 -1.48 -2.83 -8.85
N ASP A 263 -0.22 -3.14 -9.14
CA ASP A 263 0.68 -2.20 -9.86
C ASP A 263 0.14 -1.91 -11.27
N ILE A 264 0.15 -0.64 -11.68
CA ILE A 264 -0.31 -0.24 -13.04
C ILE A 264 0.35 -1.05 -14.19
N ASP A 265 1.65 -1.29 -14.08
CA ASP A 265 2.38 -2.12 -15.06
C ASP A 265 2.25 -3.62 -14.82
N PHE A 266 2.48 -4.04 -13.57
CA PHE A 266 2.71 -5.46 -13.27
C PHE A 266 1.52 -6.23 -12.73
N GLY A 267 0.49 -5.51 -12.27
CA GLY A 267 -0.68 -6.15 -11.68
C GLY A 267 -1.60 -6.78 -12.70
N THR A 268 -2.75 -7.22 -12.24
CA THR A 268 -3.77 -7.81 -13.13
C THR A 268 -4.58 -6.74 -13.89
N TYR A 269 -3.89 -6.03 -14.80
CA TYR A 269 -4.45 -4.93 -15.56
C TYR A 269 -5.67 -5.39 -16.37
N PRO A 270 -6.72 -4.56 -16.47
CA PRO A 270 -6.97 -3.22 -15.94
C PRO A 270 -7.45 -3.15 -14.48
N PHE A 271 -7.53 -4.29 -13.81
CA PHE A 271 -8.00 -4.33 -12.42
C PHE A 271 -6.83 -4.08 -11.47
N VAL A 272 -6.34 -2.84 -11.51
CA VAL A 272 -5.15 -2.39 -10.83
C VAL A 272 -5.41 -0.96 -10.44
N THR A 273 -4.51 -0.38 -9.65
CA THR A 273 -4.51 1.07 -9.42
C THR A 273 -3.66 1.74 -10.52
N SER A 274 -3.57 3.07 -10.48
CA SER A 274 -2.95 3.87 -11.55
C SER A 274 -1.51 4.29 -11.23
N SER A 275 -0.90 3.68 -10.22
CA SER A 275 0.49 4.02 -9.88
C SER A 275 1.34 2.76 -9.75
N ASN A 276 2.67 2.91 -9.71
CA ASN A 276 3.56 1.78 -9.48
C ASN A 276 3.69 1.49 -7.99
N CYS A 277 3.14 0.37 -7.58
CA CYS A 277 3.15 -0.09 -6.19
C CYS A 277 4.34 -0.98 -5.91
N THR A 278 5.27 -1.04 -6.86
CA THR A 278 6.43 -1.91 -6.75
C THR A 278 7.70 -1.08 -6.43
N VAL A 279 8.83 -1.75 -6.27
CA VAL A 279 10.04 -1.10 -5.72
C VAL A 279 10.54 0.07 -6.60
N GLY A 280 10.36 -0.04 -7.92
CA GLY A 280 10.84 1.03 -8.81
C GLY A 280 10.10 2.32 -8.53
N GLY A 281 8.87 2.23 -8.04
CA GLY A 281 8.10 3.42 -7.64
C GLY A 281 8.65 4.16 -6.43
N VAL A 282 9.48 3.50 -5.63
CA VAL A 282 10.22 4.18 -4.55
C VAL A 282 11.19 5.18 -5.17
N CYS A 283 11.92 4.73 -6.16
CA CYS A 283 12.89 5.60 -6.86
C CYS A 283 12.22 6.74 -7.64
N THR A 284 11.22 6.43 -8.44
CA THR A 284 10.55 7.45 -9.23
C THR A 284 9.71 8.39 -8.34
N GLY A 285 9.19 7.87 -7.22
CA GLY A 285 8.28 8.66 -6.39
C GLY A 285 8.95 9.51 -5.33
N LEU A 286 10.24 9.27 -5.13
CA LEU A 286 11.04 9.99 -4.15
C LEU A 286 12.25 10.67 -4.77
N GLY A 287 12.57 10.35 -6.03
CA GLY A 287 13.74 10.98 -6.67
C GLY A 287 15.08 10.65 -5.98
N MET A 288 15.27 9.36 -5.70
CA MET A 288 16.51 8.84 -5.15
C MET A 288 16.87 7.60 -5.96
N PRO A 289 18.17 7.33 -6.10
CA PRO A 289 18.65 6.22 -6.94
C PRO A 289 18.64 4.85 -6.27
N PRO A 290 18.74 3.78 -7.08
CA PRO A 290 18.72 2.41 -6.60
C PRO A 290 19.77 2.15 -5.54
N GLN A 291 20.93 2.82 -5.58
CA GLN A 291 21.92 2.51 -4.55
C GLN A 291 21.53 2.95 -3.14
N ASN A 292 20.51 3.81 -3.02
CA ASN A 292 19.99 4.18 -1.71
C ASN A 292 18.78 3.38 -1.23
N VAL A 293 18.43 2.31 -1.96
CA VAL A 293 17.39 1.37 -1.49
C VAL A 293 18.10 0.31 -0.67
N GLY A 294 17.65 0.09 0.56
CA GLY A 294 18.25 -0.94 1.39
C GLY A 294 17.35 -2.17 1.46
N GLU A 295 16.93 -2.50 2.68
CA GLU A 295 16.03 -3.65 2.89
C GLU A 295 14.68 -3.40 2.22
N VAL A 296 14.16 -4.41 1.53
CA VAL A 296 12.82 -4.31 0.89
C VAL A 296 12.01 -5.50 1.41
N TYR A 297 11.07 -5.24 2.30
CA TYR A 297 10.30 -6.31 2.94
C TYR A 297 8.98 -6.55 2.19
N GLY A 298 8.74 -7.80 1.80
CA GLY A 298 7.47 -8.20 1.18
C GLY A 298 6.53 -8.72 2.25
N VAL A 299 5.35 -8.12 2.34
CA VAL A 299 4.35 -8.52 3.32
C VAL A 299 3.45 -9.48 2.58
N VAL A 300 3.41 -10.70 3.09
CA VAL A 300 2.76 -11.82 2.42
C VAL A 300 1.79 -12.41 3.44
N LYS A 301 0.50 -12.37 3.14
CA LYS A 301 -0.50 -13.04 3.98
C LYS A 301 -0.41 -14.55 3.74
N ALA A 302 -0.67 -15.36 4.78
CA ALA A 302 -0.49 -16.82 4.70
C ALA A 302 -1.50 -17.50 3.77
N TYR A 303 -2.49 -16.73 3.35
CA TYR A 303 -3.43 -17.11 2.29
C TYR A 303 -3.73 -15.83 1.50
N THR A 304 -4.53 -15.92 0.43
CA THR A 304 -4.71 -14.77 -0.47
C THR A 304 -6.12 -14.14 -0.41
N THR A 305 -6.20 -12.82 -0.52
CA THR A 305 -7.50 -12.14 -0.72
C THR A 305 -7.46 -11.18 -1.92
N ARG A 306 -8.63 -10.94 -2.50
CA ARG A 306 -8.83 -9.86 -3.49
C ARG A 306 -10.11 -9.14 -3.12
N VAL A 307 -10.10 -7.81 -3.22
CA VAL A 307 -11.30 -7.02 -2.95
C VAL A 307 -12.21 -7.00 -4.17
N GLY A 308 -11.72 -6.50 -5.30
CA GLY A 308 -12.60 -6.33 -6.45
C GLY A 308 -12.66 -7.55 -7.36
N ILE A 309 -13.30 -7.37 -8.51
CA ILE A 309 -13.26 -8.33 -9.61
C ILE A 309 -11.85 -8.33 -10.27
N GLY A 310 -11.56 -9.37 -11.03
CA GLY A 310 -10.23 -9.57 -11.59
C GLY A 310 -9.77 -11.00 -11.38
N ALA A 311 -8.83 -11.45 -12.21
CA ALA A 311 -8.33 -12.81 -12.14
C ALA A 311 -7.78 -13.11 -10.74
N PHE A 312 -8.01 -14.33 -10.28
CA PHE A 312 -7.61 -14.78 -8.92
C PHE A 312 -7.41 -16.31 -8.99
N PRO A 313 -6.23 -16.76 -9.48
CA PRO A 313 -6.04 -18.19 -9.77
C PRO A 313 -6.32 -19.18 -8.62
N THR A 314 -5.96 -18.84 -7.38
CA THR A 314 -6.20 -19.78 -6.27
C THR A 314 -7.49 -19.54 -5.46
N GLU A 315 -8.39 -18.70 -5.98
CA GLU A 315 -9.67 -18.38 -5.32
C GLU A 315 -10.43 -19.64 -4.91
N GLN A 316 -10.99 -19.62 -3.72
CA GLN A 316 -11.75 -20.74 -3.20
C GLN A 316 -13.12 -20.21 -2.88
N ASP A 317 -14.01 -20.25 -3.87
CA ASP A 317 -15.36 -19.72 -3.75
C ASP A 317 -16.20 -20.87 -3.23
N ASN A 318 -15.99 -21.21 -1.97
CA ASN A 318 -16.50 -22.46 -1.39
C ASN A 318 -16.27 -22.43 0.13
N GLU A 319 -16.48 -23.58 0.78
CA GLU A 319 -16.33 -23.71 2.25
C GLU A 319 -14.91 -23.36 2.78
N ILE A 320 -13.89 -23.65 1.98
CA ILE A 320 -12.52 -23.29 2.37
C ILE A 320 -12.43 -21.76 2.38
N GLY A 321 -12.89 -21.12 1.31
CA GLY A 321 -12.90 -19.67 1.24
C GLY A 321 -13.72 -19.02 2.31
N GLU A 322 -14.86 -19.63 2.64
CA GLU A 322 -15.68 -19.12 3.77
C GLU A 322 -14.95 -19.19 5.11
N LEU A 323 -14.24 -20.28 5.35
CA LEU A 323 -13.48 -20.45 6.59
C LEU A 323 -12.38 -19.38 6.69
N LEU A 324 -11.62 -19.19 5.60
CA LEU A 324 -10.62 -18.10 5.57
C LEU A 324 -11.24 -16.72 5.83
N GLN A 325 -12.36 -16.42 5.17
CA GLN A 325 -13.05 -15.14 5.30
C GLN A 325 -13.49 -14.90 6.73
N THR A 326 -14.04 -15.95 7.36
CA THR A 326 -14.52 -15.84 8.71
C THR A 326 -13.39 -15.65 9.71
N ARG A 327 -12.40 -16.55 9.70
CA ARG A 327 -11.25 -16.47 10.63
C ARG A 327 -10.34 -15.23 10.43
N GLY A 328 -10.17 -14.81 9.18
CA GLY A 328 -9.33 -13.62 8.88
C GLY A 328 -10.10 -12.30 8.89
N ARG A 329 -11.39 -12.38 9.19
CA ARG A 329 -12.28 -11.21 9.21
C ARG A 329 -12.10 -10.38 7.93
N GLU A 330 -12.21 -11.07 6.80
CA GLU A 330 -11.87 -10.51 5.50
C GLU A 330 -13.09 -9.80 4.91
N PHE A 331 -13.29 -8.56 5.35
CA PHE A 331 -14.36 -7.70 4.86
C PHE A 331 -13.92 -6.25 4.99
N GLY A 332 -14.41 -5.39 4.10
CA GLY A 332 -14.11 -3.95 4.17
C GLY A 332 -14.64 -3.33 5.45
N VAL A 333 -13.80 -2.52 6.12
CA VAL A 333 -14.27 -1.86 7.34
C VAL A 333 -15.18 -0.67 7.02
N THR A 334 -14.93 -0.01 5.88
CA THR A 334 -15.73 1.15 5.45
C THR A 334 -16.86 0.78 4.47
N THR A 335 -17.04 -0.53 4.23
CA THR A 335 -18.06 -1.02 3.30
C THR A 335 -18.85 -2.23 3.84
N GLY A 336 -18.20 -3.08 4.63
CA GLY A 336 -18.82 -4.34 5.11
C GLY A 336 -18.82 -5.53 4.14
N ARG A 337 -18.45 -5.29 2.88
CA ARG A 337 -18.46 -6.34 1.85
C ARG A 337 -17.32 -7.34 2.01
N LYS A 338 -17.62 -8.63 1.87
CA LYS A 338 -16.62 -9.71 2.04
C LYS A 338 -15.57 -9.71 0.92
N ARG A 339 -14.32 -10.02 1.26
CA ARG A 339 -13.25 -10.16 0.26
C ARG A 339 -13.25 -11.57 -0.28
N ARG A 340 -12.84 -11.72 -1.54
CA ARG A 340 -12.65 -13.02 -2.13
C ARG A 340 -11.41 -13.65 -1.47
N CYS A 341 -11.48 -14.94 -1.15
CA CYS A 341 -10.36 -15.60 -0.45
C CYS A 341 -9.88 -16.83 -1.21
N GLY A 342 -8.62 -17.17 -1.02
CA GLY A 342 -8.05 -18.32 -1.67
C GLY A 342 -6.77 -18.77 -1.01
N TRP A 343 -6.22 -19.87 -1.49
CA TRP A 343 -4.97 -20.39 -0.96
C TRP A 343 -3.80 -19.47 -1.30
N LEU A 344 -2.73 -19.59 -0.53
CA LEU A 344 -1.45 -18.93 -0.86
C LEU A 344 -1.01 -19.31 -2.28
N ASP A 345 -0.56 -18.33 -3.07
CA ASP A 345 -0.13 -18.58 -4.44
C ASP A 345 1.37 -18.24 -4.56
N LEU A 346 2.22 -19.26 -4.56
CA LEU A 346 3.66 -19.02 -4.60
C LEU A 346 4.16 -18.67 -6.01
N VAL A 347 3.33 -18.95 -7.02
CA VAL A 347 3.67 -18.60 -8.40
C VAL A 347 3.61 -17.08 -8.53
N LEU A 348 2.51 -16.48 -8.07
CA LEU A 348 2.38 -15.01 -8.08
C LEU A 348 3.35 -14.34 -7.09
N LEU A 349 3.66 -15.00 -5.98
N LEU A 349 3.65 -15.00 -5.98
CA LEU A 349 4.67 -14.45 -5.04
CA LEU A 349 4.65 -14.47 -5.04
C LEU A 349 6.06 -14.38 -5.67
C LEU A 349 6.05 -14.39 -5.66
N LYS A 350 6.44 -15.44 -6.38
CA LYS A 350 7.72 -15.47 -7.05
C LYS A 350 7.77 -14.36 -8.11
N TYR A 351 6.67 -14.19 -8.83
CA TYR A 351 6.52 -13.08 -9.80
C TYR A 351 6.74 -11.69 -9.13
N ALA A 352 6.07 -11.43 -8.00
CA ALA A 352 6.27 -10.16 -7.29
C ALA A 352 7.74 -10.00 -6.85
N HIS A 353 8.37 -11.09 -6.47
CA HIS A 353 9.81 -11.08 -6.12
C HIS A 353 10.74 -10.83 -7.33
N MET A 354 10.39 -11.33 -8.51
CA MET A 354 11.15 -11.02 -9.74
C MET A 354 11.24 -9.50 -9.93
N ILE A 355 10.11 -8.83 -9.70
CA ILE A 355 10.00 -7.39 -9.87
C ILE A 355 10.63 -6.61 -8.69
N ASN A 356 10.32 -7.03 -7.47
CA ASN A 356 10.67 -6.25 -6.27
C ASN A 356 12.01 -6.55 -5.62
N GLY A 357 12.56 -7.74 -5.85
CA GLY A 357 13.79 -8.19 -5.16
C GLY A 357 13.69 -8.06 -3.65
N PHE A 358 12.67 -8.69 -3.06
CA PHE A 358 12.55 -8.72 -1.61
C PHE A 358 13.84 -9.20 -0.94
N THR A 359 14.25 -8.55 0.15
CA THR A 359 15.36 -9.02 0.94
C THR A 359 14.90 -9.96 2.09
N ALA A 360 13.64 -9.80 2.51
CA ALA A 360 13.03 -10.71 3.51
C ALA A 360 11.52 -10.56 3.43
N LEU A 361 10.81 -11.50 4.06
CA LEU A 361 9.33 -11.51 4.09
C LEU A 361 8.76 -11.33 5.48
N ALA A 362 7.56 -10.74 5.55
CA ALA A 362 6.77 -10.81 6.77
C ALA A 362 5.54 -11.63 6.37
N LEU A 363 5.37 -12.76 7.04
CA LEU A 363 4.31 -13.71 6.70
C LEU A 363 3.21 -13.50 7.72
N THR A 364 2.09 -12.94 7.32
CA THR A 364 1.09 -12.49 8.28
C THR A 364 -0.11 -13.45 8.35
N LYS A 365 -0.88 -13.35 9.44
CA LYS A 365 -2.12 -14.15 9.63
C LYS A 365 -1.89 -15.66 9.56
N LEU A 366 -0.71 -16.12 10.02
CA LEU A 366 -0.46 -17.56 10.07
C LEU A 366 -1.49 -18.26 10.99
N ASP A 367 -1.90 -17.54 12.03
CA ASP A 367 -2.88 -18.06 13.01
C ASP A 367 -4.27 -18.40 12.39
N ILE A 368 -4.64 -17.75 11.29
CA ILE A 368 -5.88 -18.11 10.57
C ILE A 368 -5.89 -19.59 10.21
N LEU A 369 -4.72 -20.13 9.88
CA LEU A 369 -4.63 -21.51 9.41
C LEU A 369 -4.62 -22.56 10.55
N ASP A 370 -4.71 -22.10 11.79
CA ASP A 370 -4.66 -22.97 12.98
C ASP A 370 -5.76 -24.04 12.98
N MET A 371 -6.84 -23.77 12.25
CA MET A 371 -8.01 -24.66 12.21
CA MET A 371 -8.01 -24.67 12.23
C MET A 371 -8.01 -25.61 11.03
N PHE A 372 -7.03 -25.49 10.15
CA PHE A 372 -7.00 -26.26 8.92
C PHE A 372 -6.30 -27.60 9.13
N THR A 373 -6.96 -28.70 8.76
CA THR A 373 -6.32 -30.01 8.90
C THR A 373 -5.31 -30.26 7.78
N GLU A 374 -5.55 -29.63 6.63
CA GLU A 374 -4.58 -29.62 5.53
C GLU A 374 -4.66 -28.26 4.83
N ILE A 375 -3.54 -27.86 4.22
CA ILE A 375 -3.45 -26.53 3.61
C ILE A 375 -2.86 -26.71 2.22
N LYS A 376 -3.48 -26.09 1.22
CA LYS A 376 -2.93 -26.18 -0.12
C LYS A 376 -2.20 -24.90 -0.43
N VAL A 377 -1.11 -25.03 -1.19
CA VAL A 377 -0.34 -23.88 -1.67
C VAL A 377 -0.14 -24.05 -3.18
N GLY A 378 -0.50 -23.01 -3.96
CA GLY A 378 -0.26 -23.00 -5.40
C GLY A 378 1.23 -22.93 -5.73
N VAL A 379 1.73 -23.92 -6.48
CA VAL A 379 3.18 -24.01 -6.77
C VAL A 379 3.54 -23.99 -8.27
N ALA A 380 2.56 -24.19 -9.14
CA ALA A 380 2.80 -24.19 -10.58
C ALA A 380 1.51 -23.86 -11.30
N TYR A 381 1.63 -23.37 -12.53
CA TYR A 381 0.48 -23.03 -13.34
C TYR A 381 0.52 -23.91 -14.60
N LYS A 382 -0.62 -24.48 -14.95
CA LYS A 382 -0.80 -25.10 -16.28
C LYS A 382 -1.74 -24.25 -17.12
N LEU A 383 -1.40 -24.14 -18.40
CA LEU A 383 -2.27 -23.47 -19.35
C LEU A 383 -2.47 -24.39 -20.57
N ASP A 384 -3.72 -24.71 -20.88
CA ASP A 384 -4.07 -25.66 -21.95
C ASP A 384 -3.33 -26.99 -21.76
N GLY A 385 -3.35 -27.51 -20.54
CA GLY A 385 -2.68 -28.77 -20.22
C GLY A 385 -1.16 -28.79 -20.11
N GLU A 386 -0.51 -27.65 -20.34
CA GLU A 386 0.96 -27.58 -20.30
C GLU A 386 1.44 -26.63 -19.20
N ILE A 387 2.48 -27.02 -18.47
CA ILE A 387 3.09 -26.16 -17.44
C ILE A 387 3.65 -24.93 -18.13
N ILE A 388 3.42 -23.75 -17.57
CA ILE A 388 3.99 -22.49 -18.08
C ILE A 388 4.87 -21.83 -17.03
N PRO A 389 5.96 -21.17 -17.45
CA PRO A 389 6.88 -20.55 -16.50
C PRO A 389 6.54 -19.12 -16.06
N HIS A 390 5.60 -18.48 -16.73
CA HIS A 390 5.32 -17.03 -16.57
C HIS A 390 3.92 -16.80 -16.00
N ILE A 391 3.60 -15.54 -15.69
CA ILE A 391 2.25 -15.13 -15.28
C ILE A 391 1.60 -14.50 -16.49
N PRO A 392 0.54 -15.16 -17.06
CA PRO A 392 -0.10 -14.49 -18.20
C PRO A 392 -0.52 -13.03 -17.95
N ALA A 393 -0.06 -12.13 -18.83
CA ALA A 393 -0.33 -10.71 -18.68
C ALA A 393 -1.75 -10.32 -19.01
N ASN A 394 -2.41 -11.10 -19.88
CA ASN A 394 -3.80 -10.81 -20.19
C ASN A 394 -4.72 -11.47 -19.18
N GLN A 395 -5.65 -10.69 -18.64
CA GLN A 395 -6.60 -11.10 -17.57
C GLN A 395 -7.40 -12.37 -17.92
N GLU A 396 -7.87 -12.42 -19.16
CA GLU A 396 -8.70 -13.54 -19.62
C GLU A 396 -7.90 -14.82 -19.75
N VAL A 397 -6.64 -14.70 -20.16
CA VAL A 397 -5.73 -15.85 -20.19
C VAL A 397 -5.35 -16.28 -18.77
N LEU A 398 -5.05 -15.32 -17.89
CA LEU A 398 -4.77 -15.66 -16.49
C LEU A 398 -5.96 -16.40 -15.87
N ASN A 399 -7.16 -15.98 -16.25
CA ASN A 399 -8.40 -16.65 -15.80
C ASN A 399 -8.49 -18.13 -16.17
N LYS A 400 -7.72 -18.55 -17.16
CA LYS A 400 -7.78 -19.93 -17.68
C LYS A 400 -6.78 -20.87 -17.07
N VAL A 401 -5.80 -20.33 -16.33
N VAL A 401 -5.83 -20.33 -16.31
CA VAL A 401 -4.77 -21.18 -15.76
CA VAL A 401 -4.79 -21.11 -15.67
C VAL A 401 -5.35 -22.15 -14.73
C VAL A 401 -5.36 -22.15 -14.70
N GLU A 402 -4.83 -23.37 -14.74
CA GLU A 402 -5.11 -24.40 -13.73
C GLU A 402 -3.94 -24.45 -12.77
N VAL A 403 -4.21 -24.09 -11.51
CA VAL A 403 -3.16 -24.09 -10.48
C VAL A 403 -2.85 -25.51 -10.05
N GLN A 404 -1.55 -25.82 -9.97
CA GLN A 404 -1.05 -27.08 -9.40
C GLN A 404 -0.72 -26.82 -7.94
N TYR A 405 -1.24 -27.66 -7.05
CA TYR A 405 -1.10 -27.42 -5.62
C TYR A 405 -0.20 -28.43 -4.91
N LYS A 406 0.52 -27.96 -3.89
CA LYS A 406 1.15 -28.83 -2.91
C LYS A 406 0.24 -28.87 -1.69
N THR A 407 0.03 -30.06 -1.14
CA THR A 407 -0.81 -30.19 0.06
C THR A 407 0.12 -30.39 1.26
N LEU A 408 -0.03 -29.51 2.25
N LEU A 408 0.01 -29.50 2.24
CA LEU A 408 0.78 -29.58 3.46
CA LEU A 408 0.80 -29.60 3.46
C LEU A 408 -0.10 -29.92 4.65
C LEU A 408 -0.10 -29.94 4.64
N PRO A 409 0.43 -30.68 5.62
CA PRO A 409 -0.36 -31.02 6.82
C PRO A 409 -0.57 -29.82 7.74
N GLY A 410 -1.77 -29.72 8.30
CA GLY A 410 -2.05 -28.69 9.29
C GLY A 410 -1.44 -29.05 10.63
N TRP A 411 -1.38 -28.06 11.51
CA TRP A 411 -0.93 -28.24 12.87
C TRP A 411 -2.11 -28.42 13.84
N ASN A 412 -3.25 -27.83 13.50
CA ASN A 412 -4.48 -27.95 14.32
C ASN A 412 -4.29 -27.56 15.78
N THR A 413 -3.54 -26.49 16.02
CA THR A 413 -3.35 -25.96 17.36
C THR A 413 -3.34 -24.44 17.32
N ASP A 414 -3.70 -23.85 18.43
CA ASP A 414 -3.73 -22.39 18.56
C ASP A 414 -2.30 -21.84 18.75
N ILE A 415 -1.81 -21.05 17.78
CA ILE A 415 -0.45 -20.45 17.87
C ILE A 415 -0.45 -18.99 18.31
N SER A 416 -1.62 -18.47 18.68
CA SER A 416 -1.78 -17.02 18.94
C SER A 416 -0.90 -16.48 20.07
N ASN A 417 -0.45 -17.35 20.97
CA ASN A 417 0.41 -16.93 22.09
C ASN A 417 1.91 -17.13 21.84
N ALA A 418 2.26 -17.69 20.68
CA ALA A 418 3.66 -17.95 20.33
C ALA A 418 4.41 -16.61 20.14
N ARG A 419 5.61 -16.53 20.70
CA ARG A 419 6.42 -15.32 20.58
C ARG A 419 7.83 -15.60 20.00
N ALA A 420 8.12 -16.86 19.70
CA ALA A 420 9.41 -17.26 19.14
C ALA A 420 9.15 -18.42 18.23
N PHE A 421 10.00 -18.59 17.22
CA PHE A 421 9.80 -19.63 16.21
C PHE A 421 9.82 -21.04 16.84
N LYS A 422 10.69 -21.24 17.83
CA LYS A 422 10.76 -22.52 18.59
C LYS A 422 9.42 -22.94 19.26
N GLU A 423 8.56 -21.97 19.51
CA GLU A 423 7.24 -22.24 20.16
C GLU A 423 6.19 -22.71 19.17
N LEU A 424 6.44 -22.54 17.87
CA LEU A 424 5.48 -23.01 16.85
C LEU A 424 5.49 -24.53 16.73
N PRO A 425 4.31 -25.16 16.54
CA PRO A 425 4.31 -26.61 16.28
C PRO A 425 5.06 -26.92 14.97
N VAL A 426 5.58 -28.14 14.85
CA VAL A 426 6.37 -28.56 13.67
CA VAL A 426 6.40 -28.48 13.66
C VAL A 426 5.71 -28.24 12.31
N ASN A 427 4.40 -28.52 12.19
CA ASN A 427 3.75 -28.33 10.87
C ASN A 427 3.59 -26.84 10.47
N ALA A 428 3.42 -25.99 11.48
CA ALA A 428 3.48 -24.53 11.30
C ALA A 428 4.88 -24.08 10.90
N GLN A 429 5.90 -24.58 11.62
CA GLN A 429 7.30 -24.28 11.23
C GLN A 429 7.57 -24.68 9.78
N ASN A 430 7.10 -25.87 9.43
CA ASN A 430 7.30 -26.41 8.08
C ASN A 430 6.56 -25.65 6.99
N TYR A 431 5.40 -25.08 7.33
CA TYR A 431 4.68 -24.21 6.41
C TYR A 431 5.55 -22.98 6.07
N VAL A 432 6.13 -22.39 7.11
CA VAL A 432 7.03 -21.25 6.94
C VAL A 432 8.27 -21.60 6.11
N ARG A 433 8.90 -22.73 6.44
CA ARG A 433 10.10 -23.21 5.73
CA ARG A 433 10.09 -23.21 5.72
C ARG A 433 9.81 -23.53 4.27
N PHE A 434 8.62 -24.07 4.00
CA PHE A 434 8.26 -24.38 2.61
C PHE A 434 8.26 -23.10 1.75
N ILE A 435 7.67 -22.03 2.29
CA ILE A 435 7.64 -20.74 1.60
C ILE A 435 9.07 -20.22 1.38
N GLU A 436 9.88 -20.26 2.44
CA GLU A 436 11.29 -19.86 2.35
C GLU A 436 12.06 -20.66 1.29
N ASP A 437 11.85 -21.98 1.28
CA ASP A 437 12.53 -22.88 0.35
C ASP A 437 12.09 -22.66 -1.09
N GLU A 438 10.78 -22.50 -1.29
CA GLU A 438 10.26 -22.28 -2.65
C GLU A 438 10.69 -20.93 -3.25
N LEU A 439 10.72 -19.89 -2.43
CA LEU A 439 11.01 -18.53 -2.91
C LEU A 439 12.47 -18.14 -2.78
N GLN A 440 13.20 -18.88 -1.94
CA GLN A 440 14.59 -18.57 -1.57
CA GLN A 440 14.59 -18.57 -1.60
C GLN A 440 14.70 -17.14 -1.05
N ILE A 441 13.78 -16.80 -0.14
CA ILE A 441 13.76 -15.51 0.54
C ILE A 441 13.51 -15.84 2.02
N PRO A 442 14.34 -15.32 2.94
CA PRO A 442 14.10 -15.60 4.35
C PRO A 442 12.88 -14.88 4.93
N VAL A 443 12.20 -15.53 5.87
CA VAL A 443 11.10 -14.91 6.60
C VAL A 443 11.65 -14.20 7.86
N LYS A 444 11.46 -12.89 7.94
CA LYS A 444 11.92 -12.11 9.08
C LYS A 444 10.89 -11.98 10.20
N TRP A 445 9.61 -11.94 9.80
CA TRP A 445 8.51 -11.78 10.78
C TRP A 445 7.40 -12.76 10.46
N ILE A 446 6.75 -13.28 11.51
CA ILE A 446 5.54 -14.10 11.38
C ILE A 446 4.44 -13.47 12.26
N GLY A 447 3.31 -13.14 11.66
CA GLY A 447 2.16 -12.56 12.38
C GLY A 447 1.32 -13.71 12.92
N VAL A 448 1.00 -13.67 14.22
CA VAL A 448 0.20 -14.73 14.85
C VAL A 448 -1.05 -14.14 15.53
N GLY A 449 -1.30 -12.87 15.28
CA GLY A 449 -2.50 -12.22 15.80
C GLY A 449 -2.52 -10.74 15.48
N LYS A 450 -3.60 -10.09 15.86
CA LYS A 450 -3.78 -8.68 15.53
C LYS A 450 -2.88 -7.76 16.34
N SER A 451 -2.60 -8.09 17.60
CA SER A 451 -1.91 -7.14 18.47
C SER A 451 -0.44 -6.95 18.09
N ARG A 452 0.15 -5.85 18.53
CA ARG A 452 1.58 -5.56 18.32
C ARG A 452 2.45 -6.68 18.80
N GLU A 453 2.13 -7.22 19.97
CA GLU A 453 2.91 -8.30 20.54
C GLU A 453 2.78 -9.64 19.79
N SER A 454 1.71 -9.79 19.01
CA SER A 454 1.44 -11.05 18.31
C SER A 454 2.27 -11.17 17.05
N MET A 455 3.57 -11.26 17.26
CA MET A 455 4.51 -11.27 16.16
C MET A 455 5.71 -12.05 16.64
N ILE A 456 6.32 -12.76 15.72
CA ILE A 456 7.58 -13.40 15.97
C ILE A 456 8.57 -12.76 15.00
N GLN A 457 9.71 -12.31 15.52
CA GLN A 457 10.80 -11.81 14.66
C GLN A 457 11.96 -12.79 14.70
N LEU A 458 12.32 -13.33 13.53
CA LEU A 458 13.30 -14.40 13.43
C LEU A 458 14.77 -13.94 13.43
N PHE A 459 15.01 -12.71 13.00
CA PHE A 459 16.37 -12.14 12.95
C PHE A 459 16.31 -10.62 12.91
PB GDP B . -2.73 -3.37 5.44
O1B GDP B . -1.83 -2.30 5.99
O2B GDP B . -3.91 -2.77 4.74
O3B GDP B . -1.99 -4.25 4.47
O3A GDP B . -3.20 -4.34 6.62
PA GDP B . -3.33 -4.04 8.21
O1A GDP B . -2.08 -3.97 9.06
O2A GDP B . -4.28 -2.90 8.45
O5' GDP B . -3.99 -5.47 8.59
C5' GDP B . -5.28 -5.84 8.10
C4' GDP B . -6.10 -6.43 9.25
O4' GDP B . -5.61 -7.73 9.56
C3' GDP B . -6.04 -5.64 10.54
O3' GDP B . -7.32 -5.76 11.17
C2' GDP B . -5.02 -6.37 11.38
O2' GDP B . -5.23 -6.24 12.78
C1' GDP B . -5.22 -7.79 10.94
N9 GDP B . -3.96 -8.56 11.03
C8 GDP B . -2.73 -8.21 10.56
N7 GDP B . -1.86 -9.22 10.82
C5 GDP B . -2.53 -10.20 11.44
C6 GDP B . -2.20 -11.54 11.98
O6 GDP B . -1.02 -11.91 11.89
N1 GDP B . -3.19 -12.29 12.54
C2 GDP B . -4.45 -11.83 12.62
N2 GDP B . -5.41 -12.61 13.19
N3 GDP B . -4.82 -10.61 12.14
C4 GDP B . -3.91 -9.77 11.57
#